data_3ES4
#
_entry.id   3ES4
#
_cell.length_a   95.254
_cell.length_b   95.254
_cell.length_c   83.155
_cell.angle_alpha   90.000
_cell.angle_beta   90.000
_cell.angle_gamma   120.000
#
_symmetry.space_group_name_H-M   'H 3'
#
loop_
_entity.id
_entity.type
_entity.pdbx_description
1 polymer 'uncharacterized protein DUF861 with a RmlC-like cupin fold'
2 non-polymer 'CHLORIDE ION'
3 non-polymer 1,2-ETHANEDIOL
4 water water
#
_entity_poly.entity_id   1
_entity_poly.type   'polypeptide(L)'
_entity_poly.pdbx_seq_one_letter_code
;G(MSE)T(MSE)PIFNISDDVDLVPA(MSE)PAEGRDGGSYRRQIWQDDVENGTIVAVW(MSE)AEPGIYNYAGRDLEET
FVVVEGEALYSQADADPVKIGPGSIVSIAKGVPSRLEILSSFRKLATVIPKP
;
_entity_poly.pdbx_strand_id   A,B
#
# COMPACT_ATOMS: atom_id res chain seq x y z
N GLY A 1 -14.47 -6.17 -6.93
CA GLY A 1 -15.26 -7.31 -6.44
C GLY A 1 -16.67 -7.22 -7.04
N THR A 3 -19.49 -7.06 -5.45
CA THR A 3 -20.37 -6.17 -4.68
C THR A 3 -19.74 -4.87 -4.18
N PRO A 5 -15.80 -2.25 -3.96
CA PRO A 5 -14.46 -1.97 -4.46
C PRO A 5 -13.41 -2.67 -3.60
N ILE A 6 -13.47 -3.99 -3.66
CA ILE A 6 -12.51 -4.90 -3.06
C ILE A 6 -11.85 -5.59 -4.25
N PHE A 7 -10.56 -5.40 -4.37
CA PHE A 7 -9.73 -5.94 -5.45
C PHE A 7 -8.77 -6.94 -4.82
N ASN A 8 -8.07 -7.70 -5.65
CA ASN A 8 -7.06 -8.62 -5.14
C ASN A 8 -5.80 -8.43 -5.96
N ILE A 9 -4.69 -8.25 -5.27
CA ILE A 9 -3.41 -7.96 -5.91
C ILE A 9 -2.94 -9.06 -6.86
N SER A 10 -3.41 -10.29 -6.62
CA SER A 10 -3.06 -11.44 -7.44
C SER A 10 -3.88 -11.58 -8.70
N ASP A 11 -4.92 -10.74 -8.89
CA ASP A 11 -5.72 -10.83 -10.09
C ASP A 11 -5.00 -10.24 -11.29
N ASP A 12 -5.09 -10.91 -12.42
CA ASP A 12 -4.52 -10.39 -13.65
C ASP A 12 -5.69 -9.76 -14.45
N VAL A 13 -6.14 -8.61 -13.98
CA VAL A 13 -7.29 -7.89 -14.48
C VAL A 13 -6.92 -6.44 -14.78
N ASP A 14 -7.30 -5.96 -15.97
CA ASP A 14 -7.02 -4.60 -16.38
C ASP A 14 -5.53 -4.25 -16.31
N LEU A 15 -4.70 -5.21 -16.67
CA LEU A 15 -3.25 -5.01 -16.64
C LEU A 15 -2.82 -4.17 -17.83
N VAL A 16 -1.86 -3.30 -17.57
CA VAL A 16 -1.21 -2.53 -18.60
C VAL A 16 0.29 -2.89 -18.58
N PRO A 17 0.85 -3.33 -19.72
CA PRO A 17 2.24 -3.64 -19.69
C PRO A 17 3.08 -2.45 -19.24
N ALA A 18 4.13 -2.76 -18.51
CA ALA A 18 5.03 -1.77 -17.93
C ALA A 18 6.47 -2.05 -18.41
N PRO A 20 9.91 -3.50 -18.81
CA PRO A 20 10.45 -4.79 -18.30
C PRO A 20 11.81 -4.61 -17.66
N ALA A 21 12.27 -5.67 -17.02
CA ALA A 21 13.62 -5.75 -16.51
C ALA A 21 14.62 -5.58 -17.64
N GLU A 22 15.80 -5.05 -17.34
N GLU A 22 15.84 -5.24 -17.26
CA GLU A 22 16.72 -4.59 -18.42
CA GLU A 22 16.90 -5.11 -18.23
C GLU A 22 17.03 -5.71 -19.45
C GLU A 22 17.17 -6.51 -18.78
N GLY A 23 17.04 -6.98 -19.03
N GLY A 23 17.31 -6.63 -20.09
CA GLY A 23 17.35 -8.04 -19.99
CA GLY A 23 17.43 -7.95 -20.70
C GLY A 23 16.16 -8.91 -20.33
C GLY A 23 16.17 -8.81 -20.78
N ARG A 24 14.99 -8.28 -20.36
CA ARG A 24 13.73 -8.97 -20.60
C ARG A 24 12.87 -8.12 -21.53
N ASP A 25 11.80 -8.72 -22.05
CA ASP A 25 10.86 -8.10 -23.00
C ASP A 25 9.41 -8.19 -22.51
N GLY A 26 9.20 -8.77 -21.34
CA GLY A 26 7.88 -8.87 -20.76
C GLY A 26 8.00 -9.11 -19.26
N GLY A 27 6.90 -9.50 -18.65
CA GLY A 27 6.93 -9.88 -17.26
C GLY A 27 6.85 -8.68 -16.33
N SER A 28 6.21 -7.61 -16.80
CA SER A 28 6.07 -6.38 -16.01
C SER A 28 4.75 -5.72 -16.37
N TYR A 29 3.94 -5.44 -15.35
CA TYR A 29 2.61 -4.87 -15.55
C TYR A 29 2.24 -3.95 -14.42
N ARG A 30 1.34 -3.03 -14.73
CA ARG A 30 0.77 -2.09 -13.76
C ARG A 30 -0.74 -2.21 -13.82
N ARG A 31 -1.40 -2.05 -12.68
CA ARG A 31 -2.85 -1.96 -12.63
C ARG A 31 -3.26 -0.78 -11.74
N GLN A 32 -3.92 0.23 -12.31
CA GLN A 32 -4.30 1.38 -11.50
C GLN A 32 -5.52 1.00 -10.68
N ILE A 33 -5.46 1.25 -9.39
CA ILE A 33 -6.57 0.94 -8.49
C ILE A 33 -7.43 2.17 -8.21
N TRP A 34 -6.78 3.31 -7.94
CA TRP A 34 -7.50 4.50 -7.60
C TRP A 34 -6.70 5.73 -7.98
N GLN A 35 -7.42 6.76 -8.46
CA GLN A 35 -6.81 8.06 -8.67
C GLN A 35 -7.72 9.14 -8.14
N ASP A 36 -7.13 10.12 -7.45
CA ASP A 36 -7.87 11.27 -6.93
C ASP A 36 -8.47 12.04 -8.10
N ASP A 37 -9.66 12.58 -7.85
N ASP A 37 -9.67 12.60 -7.93
CA ASP A 37 -10.42 13.28 -8.84
CA ASP A 37 -10.40 13.21 -9.05
C ASP A 37 -10.06 14.76 -8.78
C ASP A 37 -10.06 14.70 -9.30
N VAL A 38 -8.80 15.04 -9.08
CA VAL A 38 -8.30 16.39 -9.20
C VAL A 38 -7.42 16.41 -10.44
N GLU A 39 -6.78 17.53 -10.74
CA GLU A 39 -6.03 17.62 -12.00
C GLU A 39 -4.82 16.73 -12.07
N ASN A 40 -4.14 16.55 -10.95
CA ASN A 40 -2.90 15.79 -10.93
C ASN A 40 -2.69 15.27 -9.51
N GLY A 41 -3.47 14.27 -9.15
CA GLY A 41 -3.48 13.86 -7.77
C GLY A 41 -2.82 12.54 -7.50
N THR A 42 -3.02 12.12 -6.27
CA THR A 42 -2.46 10.85 -5.80
C THR A 42 -3.06 9.69 -6.56
N ILE A 43 -2.22 8.70 -6.85
CA ILE A 43 -2.61 7.48 -7.53
C ILE A 43 -2.17 6.31 -6.68
N VAL A 44 -3.02 5.28 -6.61
CA VAL A 44 -2.68 4.04 -5.96
C VAL A 44 -2.74 2.97 -7.04
N ALA A 45 -1.67 2.22 -7.19
CA ALA A 45 -1.57 1.23 -8.26
C ALA A 45 -0.79 0.02 -7.86
N VAL A 46 -1.12 -1.11 -8.47
CA VAL A 46 -0.35 -2.35 -8.34
C VAL A 46 0.75 -2.36 -9.39
N TRP A 47 1.93 -2.85 -9.01
CA TRP A 47 2.95 -3.21 -9.99
C TRP A 47 3.31 -4.65 -9.75
N ALA A 49 5.94 -7.73 -11.27
CA ALA A 49 7.13 -7.92 -12.05
C ALA A 49 7.84 -9.23 -11.78
N GLU A 50 8.47 -9.76 -12.84
CA GLU A 50 9.21 -11.00 -12.73
C GLU A 50 10.69 -10.73 -12.42
N PRO A 51 11.41 -11.77 -12.01
CA PRO A 51 12.83 -11.60 -11.68
C PRO A 51 13.66 -10.87 -12.73
N GLY A 52 14.53 -10.00 -12.22
CA GLY A 52 15.39 -9.17 -13.06
C GLY A 52 15.71 -7.85 -12.40
N ILE A 53 16.46 -7.02 -13.12
CA ILE A 53 16.93 -5.72 -12.64
C ILE A 53 16.08 -4.61 -13.21
N TYR A 54 15.58 -3.76 -12.33
CA TYR A 54 14.76 -2.61 -12.68
C TYR A 54 15.42 -1.37 -12.04
N ASN A 55 15.88 -0.49 -12.92
N ASN A 55 15.90 -0.47 -12.89
CA ASN A 55 16.56 0.73 -12.51
CA ASN A 55 16.65 0.71 -12.44
C ASN A 55 15.63 1.90 -12.71
C ASN A 55 15.89 1.98 -12.77
N TYR A 56 15.63 2.80 -11.73
CA TYR A 56 14.83 4.01 -11.83
C TYR A 56 15.68 5.20 -11.46
N ALA A 57 15.68 6.20 -12.33
CA ALA A 57 16.28 7.47 -11.98
C ALA A 57 15.38 8.15 -10.96
N GLY A 58 15.88 9.22 -10.37
CA GLY A 58 15.05 10.06 -9.50
C GLY A 58 13.93 10.66 -10.30
N ARG A 59 12.76 10.75 -9.71
CA ARG A 59 11.56 11.23 -10.38
C ARG A 59 10.88 12.33 -9.56
N ASP A 60 10.09 13.16 -10.24
CA ASP A 60 9.42 14.29 -9.59
C ASP A 60 8.13 13.87 -8.95
N LEU A 61 8.27 12.99 -7.95
CA LEU A 61 7.12 12.39 -7.30
C LEU A 61 7.62 11.84 -5.99
N GLU A 62 6.69 11.70 -5.05
CA GLU A 62 6.94 10.96 -3.81
C GLU A 62 6.21 9.63 -3.92
N GLU A 63 6.84 8.55 -3.45
CA GLU A 63 6.17 7.27 -3.46
C GLU A 63 6.38 6.53 -2.16
N THR A 64 5.33 5.84 -1.70
CA THR A 64 5.50 4.80 -0.67
C THR A 64 4.81 3.54 -1.18
N PHE A 65 5.49 2.40 -1.09
CA PHE A 65 4.88 1.13 -1.50
C PHE A 65 5.01 0.09 -0.42
N VAL A 66 4.18 -0.93 -0.52
CA VAL A 66 4.37 -2.11 0.32
C VAL A 66 4.43 -3.36 -0.55
N VAL A 67 5.42 -4.22 -0.28
CA VAL A 67 5.53 -5.48 -0.95
C VAL A 67 4.50 -6.41 -0.37
N VAL A 68 3.72 -7.06 -1.25
CA VAL A 68 2.76 -8.08 -0.81
C VAL A 68 3.19 -9.51 -1.20
N GLU A 69 3.84 -9.66 -2.36
CA GLU A 69 4.36 -10.95 -2.84
C GLU A 69 5.77 -10.77 -3.36
N GLY A 70 6.61 -11.78 -3.12
CA GLY A 70 7.93 -11.84 -3.66
C GLY A 70 9.01 -11.13 -2.86
N GLU A 71 10.24 -11.33 -3.31
CA GLU A 71 11.41 -10.75 -2.69
C GLU A 71 12.30 -10.04 -3.69
N ALA A 72 13.05 -9.07 -3.19
CA ALA A 72 13.96 -8.28 -4.03
C ALA A 72 15.11 -7.78 -3.21
N LEU A 73 16.24 -7.58 -3.87
CA LEU A 73 17.32 -6.80 -3.31
C LEU A 73 17.07 -5.36 -3.77
N TYR A 74 17.15 -4.42 -2.84
CA TYR A 74 16.67 -3.08 -3.11
C TYR A 74 17.66 -2.02 -2.63
N SER A 75 17.90 -0.98 -3.42
CA SER A 75 18.75 0.12 -3.01
C SER A 75 18.24 1.44 -3.56
N GLN A 76 18.52 2.51 -2.83
CA GLN A 76 18.32 3.86 -3.28
C GLN A 76 19.64 4.60 -3.22
N ALA A 77 19.87 5.47 -4.19
CA ALA A 77 21.07 6.29 -4.21
C ALA A 77 22.31 5.42 -3.99
N ASP A 78 23.16 5.79 -3.03
CA ASP A 78 24.38 5.06 -2.74
C ASP A 78 24.26 4.06 -1.59
N ALA A 79 23.04 3.67 -1.22
CA ALA A 79 22.89 2.80 -0.06
C ALA A 79 23.23 1.37 -0.44
N ASP A 80 23.77 0.61 0.52
CA ASP A 80 23.96 -0.83 0.32
C ASP A 80 22.59 -1.49 0.16
N PRO A 81 22.46 -2.47 -0.76
CA PRO A 81 21.15 -3.09 -0.90
C PRO A 81 20.70 -3.90 0.30
N VAL A 82 19.40 -3.91 0.52
N VAL A 82 19.39 -3.93 0.45
CA VAL A 82 18.80 -4.79 1.50
CA VAL A 82 18.67 -4.61 1.50
C VAL A 82 17.71 -5.59 0.85
C VAL A 82 17.76 -5.62 0.80
N LYS A 83 17.48 -6.76 1.43
CA LYS A 83 16.44 -7.65 0.95
C LYS A 83 15.09 -7.20 1.49
N ILE A 84 14.14 -6.98 0.57
CA ILE A 84 12.78 -6.68 0.93
C ILE A 84 11.90 -7.86 0.52
N GLY A 85 10.76 -7.98 1.18
CA GLY A 85 9.85 -9.07 0.93
C GLY A 85 8.48 -8.69 1.46
N PRO A 86 7.57 -9.66 1.54
CA PRO A 86 6.21 -9.34 1.95
C PRO A 86 6.21 -8.60 3.30
N GLY A 87 5.52 -7.48 3.32
CA GLY A 87 5.43 -6.63 4.51
C GLY A 87 6.42 -5.48 4.55
N SER A 88 7.41 -5.48 3.65
CA SER A 88 8.33 -4.37 3.57
C SER A 88 7.63 -3.15 3.00
N ILE A 89 7.72 -2.02 3.73
CA ILE A 89 7.17 -0.75 3.30
C ILE A 89 8.32 0.16 2.96
N VAL A 90 8.32 0.74 1.78
CA VAL A 90 9.45 1.51 1.28
C VAL A 90 8.95 2.88 0.85
N SER A 91 9.60 3.95 1.33
CA SER A 91 9.33 5.30 0.83
C SER A 91 10.52 5.76 0.01
N ILE A 92 10.21 6.46 -1.08
N ILE A 92 10.24 6.50 -1.05
CA ILE A 92 11.20 7.02 -2.00
CA ILE A 92 11.30 7.05 -1.86
C ILE A 92 10.89 8.53 -2.14
C ILE A 92 10.96 8.49 -2.22
N ALA A 93 11.85 9.37 -1.76
CA ALA A 93 11.66 10.79 -1.86
C ALA A 93 11.88 11.28 -3.28
N LYS A 94 11.31 12.46 -3.58
CA LYS A 94 11.48 13.10 -4.84
C LYS A 94 12.97 13.16 -5.23
N GLY A 95 13.25 12.76 -6.47
CA GLY A 95 14.59 12.83 -7.02
C GLY A 95 15.59 11.77 -6.63
N VAL A 96 15.18 10.80 -5.83
CA VAL A 96 16.05 9.72 -5.39
C VAL A 96 15.95 8.54 -6.33
N PRO A 97 17.11 8.11 -6.89
CA PRO A 97 17.11 6.96 -7.78
C PRO A 97 17.07 5.69 -6.97
N SER A 98 16.63 4.59 -7.60
CA SER A 98 16.51 3.31 -6.94
C SER A 98 16.79 2.16 -7.91
N ARG A 99 17.10 1.01 -7.34
CA ARG A 99 17.34 -0.19 -8.12
C ARG A 99 16.66 -1.32 -7.41
N LEU A 100 15.95 -2.14 -8.17
N LEU A 100 15.84 -2.07 -8.14
CA LEU A 100 15.22 -3.27 -7.63
CA LEU A 100 15.22 -3.29 -7.62
C LEU A 100 15.62 -4.53 -8.38
C LEU A 100 15.79 -4.46 -8.39
N GLU A 101 16.26 -5.47 -7.68
CA GLU A 101 16.67 -6.72 -8.28
C GLU A 101 15.66 -7.70 -7.76
N ILE A 102 14.64 -7.97 -8.56
N ILE A 102 14.67 -8.01 -8.59
CA ILE A 102 13.58 -8.90 -8.15
CA ILE A 102 13.60 -8.90 -8.20
C ILE A 102 14.10 -10.32 -8.20
C ILE A 102 14.11 -10.33 -8.21
N LEU A 103 13.89 -11.05 -7.10
CA LEU A 103 14.37 -12.41 -6.94
C LEU A 103 13.28 -13.46 -7.19
N SER A 104 12.02 -13.08 -6.98
CA SER A 104 10.89 -13.97 -7.19
C SER A 104 9.70 -13.11 -7.59
N SER A 105 8.76 -13.70 -8.31
CA SER A 105 7.59 -12.97 -8.78
C SER A 105 7.06 -12.02 -7.70
N PHE A 106 6.99 -10.75 -8.06
CA PHE A 106 6.85 -9.65 -7.11
C PHE A 106 5.59 -8.84 -7.39
N ARG A 107 4.86 -8.47 -6.33
CA ARG A 107 3.75 -7.54 -6.44
C ARG A 107 3.79 -6.56 -5.29
N LYS A 108 3.73 -5.28 -5.65
CA LYS A 108 3.64 -4.22 -4.66
C LYS A 108 2.39 -3.37 -4.90
N LEU A 109 1.93 -2.73 -3.84
CA LEU A 109 0.92 -1.67 -3.94
C LEU A 109 1.60 -0.37 -3.63
N ALA A 110 1.57 0.53 -4.59
CA ALA A 110 2.30 1.80 -4.53
C ALA A 110 1.32 2.96 -4.47
N THR A 111 1.66 3.95 -3.65
CA THR A 111 0.99 5.23 -3.61
C THR A 111 1.98 6.22 -4.17
N VAL A 112 1.54 6.96 -5.20
CA VAL A 112 2.37 7.92 -5.89
C VAL A 112 1.74 9.30 -5.79
N ILE A 113 2.52 10.26 -5.31
CA ILE A 113 2.07 11.64 -5.13
C ILE A 113 2.90 12.55 -6.06
N PRO A 114 2.26 13.06 -7.12
CA PRO A 114 3.01 13.88 -8.07
C PRO A 114 3.58 15.10 -7.41
N LYS A 115 4.83 15.43 -7.75
CA LYS A 115 5.53 16.55 -7.14
C LYS A 115 6.33 17.34 -8.14
N PRO A 116 5.64 18.08 -9.03
CA PRO A 116 6.35 18.95 -9.95
C PRO A 116 7.07 20.06 -9.22
N GLY B 1 26.93 3.48 4.66
CA GLY B 1 26.11 4.58 4.06
C GLY B 1 24.95 4.95 4.97
N THR B 3 20.92 4.79 6.24
CA THR B 3 19.86 3.78 6.30
C THR B 3 18.66 4.29 5.49
N PRO B 5 14.63 4.58 4.24
CA PRO B 5 13.29 4.61 4.83
C PRO B 5 12.48 3.39 4.37
N ILE B 6 12.81 2.27 5.00
CA ILE B 6 12.18 0.97 4.77
C ILE B 6 11.75 0.48 6.15
N PHE B 7 10.50 0.04 6.23
CA PHE B 7 9.86 -0.36 7.48
C PHE B 7 9.21 -1.72 7.29
N ASN B 8 9.02 -2.45 8.37
CA ASN B 8 8.40 -3.77 8.27
C ASN B 8 7.04 -3.68 8.93
N ILE B 9 5.99 -3.93 8.14
CA ILE B 9 4.64 -3.81 8.68
C ILE B 9 4.41 -4.73 9.88
N SER B 10 5.15 -5.84 9.97
CA SER B 10 4.97 -6.81 11.03
C SER B 10 5.46 -6.32 12.39
N ASP B 11 6.29 -5.29 12.39
CA ASP B 11 6.96 -4.89 13.61
C ASP B 11 6.00 -4.00 14.40
N ASP B 12 5.87 -4.28 15.68
CA ASP B 12 5.00 -3.45 16.51
C ASP B 12 5.91 -2.37 17.02
N VAL B 13 6.10 -1.34 16.24
N VAL B 13 6.10 -1.36 16.17
CA VAL B 13 6.86 -0.21 16.72
CA VAL B 13 6.94 -0.18 16.43
C VAL B 13 6.12 1.07 16.36
C VAL B 13 6.07 1.09 16.32
N ASP B 14 6.11 1.96 17.33
CA ASP B 14 5.46 3.24 17.25
C ASP B 14 3.96 3.12 16.94
N LEU B 15 3.33 2.04 17.42
CA LEU B 15 1.90 1.87 17.23
C LEU B 15 1.18 2.66 18.29
N VAL B 16 0.23 3.49 17.85
CA VAL B 16 -0.58 4.34 18.75
C VAL B 16 -2.01 3.76 18.78
N PRO B 17 -2.53 3.48 19.98
CA PRO B 17 -3.89 2.97 20.06
C PRO B 17 -4.88 3.81 19.27
N ALA B 18 -5.77 3.12 18.57
CA ALA B 18 -6.73 3.70 17.66
C ALA B 18 -8.12 3.24 18.15
N PRO B 20 -11.02 1.10 19.55
CA PRO B 20 -11.20 -0.19 20.22
C PRO B 20 -12.23 -1.10 19.54
N ALA B 21 -12.16 -2.41 19.78
CA ALA B 21 -13.16 -3.34 19.25
C ALA B 21 -14.41 -3.22 20.10
N GLU B 22 -15.54 -3.60 19.52
CA GLU B 22 -16.78 -3.62 20.28
C GLU B 22 -16.59 -4.50 21.51
N GLY B 23 -17.21 -4.08 22.61
CA GLY B 23 -17.21 -4.86 23.83
C GLY B 23 -16.00 -4.81 24.73
N ARG B 24 -15.02 -3.99 24.36
CA ARG B 24 -13.78 -3.86 25.14
C ARG B 24 -13.14 -2.54 24.74
N ASP B 25 -12.06 -2.16 25.43
CA ASP B 25 -11.48 -0.83 25.27
C ASP B 25 -10.13 -0.84 24.60
N GLY B 26 -9.85 -1.89 23.84
CA GLY B 26 -8.68 -1.96 23.00
C GLY B 26 -8.95 -2.77 21.76
N GLY B 27 -8.01 -2.77 20.83
CA GLY B 27 -8.12 -3.65 19.71
C GLY B 27 -7.26 -3.21 18.52
N SER B 28 -7.24 -1.92 18.16
CA SER B 28 -6.47 -1.49 16.96
C SER B 28 -5.51 -0.35 17.28
N TYR B 29 -4.53 -0.19 16.36
CA TYR B 29 -3.40 0.69 16.50
C TYR B 29 -2.99 1.23 15.16
N ARG B 30 -2.43 2.43 15.16
CA ARG B 30 -1.98 3.05 13.94
C ARG B 30 -0.54 3.49 14.00
N ARG B 31 0.18 3.34 12.91
CA ARG B 31 1.58 3.81 12.79
C ARG B 31 1.69 4.65 11.52
N GLN B 32 1.86 5.95 11.68
CA GLN B 32 2.01 6.80 10.49
C GLN B 32 3.37 6.53 9.84
N ILE B 33 3.35 6.37 8.51
CA ILE B 33 4.57 6.11 7.74
C ILE B 33 5.02 7.34 6.94
N TRP B 34 4.08 8.06 6.32
CA TRP B 34 4.41 9.22 5.49
C TRP B 34 3.25 10.19 5.44
N GLN B 35 3.54 11.47 5.40
CA GLN B 35 2.51 12.46 5.17
C GLN B 35 3.07 13.60 4.33
N ASP B 36 2.31 14.03 3.34
CA ASP B 36 2.72 15.12 2.47
C ASP B 36 2.66 16.43 3.26
N ASP B 37 3.60 17.32 3.00
CA ASP B 37 3.69 18.61 3.70
C ASP B 37 2.82 19.73 3.10
N VAL B 38 1.70 19.37 2.50
CA VAL B 38 0.75 20.32 1.98
C VAL B 38 -0.52 20.17 2.79
N GLU B 39 -1.30 21.26 2.84
CA GLU B 39 -2.61 21.21 3.45
C GLU B 39 -3.43 20.07 2.87
N ASN B 40 -4.07 19.30 3.73
CA ASN B 40 -4.89 18.16 3.29
C ASN B 40 -4.05 17.17 2.49
N GLY B 41 -2.79 17.07 2.86
CA GLY B 41 -1.90 16.16 2.15
C GLY B 41 -2.22 14.69 2.36
N THR B 42 -1.83 13.88 1.38
CA THR B 42 -1.96 12.45 1.45
C THR B 42 -1.18 11.91 2.64
N ILE B 43 -1.76 10.90 3.28
CA ILE B 43 -1.19 10.23 4.44
C ILE B 43 -1.10 8.75 4.13
N VAL B 44 0.02 8.09 4.47
CA VAL B 44 0.15 6.64 4.39
C VAL B 44 0.45 6.14 5.80
N ALA B 45 -0.33 5.18 6.26
CA ALA B 45 -0.21 4.66 7.64
C ALA B 45 -0.54 3.20 7.74
N VAL B 46 0.09 2.55 8.71
CA VAL B 46 -0.23 1.16 9.08
C VAL B 46 -1.39 1.17 10.07
N TRP B 47 -2.33 0.25 9.89
CA TRP B 47 -3.36 -0.02 10.91
C TRP B 47 -3.27 -1.49 11.23
N ALA B 49 -4.93 -4.54 13.84
CA ALA B 49 -6.09 -4.80 14.70
C ALA B 49 -6.17 -6.28 15.09
N GLU B 50 -6.60 -6.50 16.33
CA GLU B 50 -6.85 -7.88 16.79
C GLU B 50 -8.31 -8.25 16.58
N PRO B 51 -8.59 -9.57 16.54
CA PRO B 51 -9.96 -10.00 16.32
C PRO B 51 -11.00 -9.30 17.16
N GLY B 52 -12.05 -8.89 16.48
CA GLY B 52 -13.11 -8.11 17.08
C GLY B 52 -13.81 -7.30 16.02
N ILE B 53 -14.82 -6.56 16.45
CA ILE B 53 -15.67 -5.79 15.51
C ILE B 53 -15.39 -4.30 15.60
N TYR B 54 -15.17 -3.66 14.45
CA TYR B 54 -14.77 -2.24 14.37
C TYR B 54 -15.74 -1.55 13.41
N ASN B 55 -16.51 -0.57 13.90
CA ASN B 55 -17.46 0.18 13.10
C ASN B 55 -16.97 1.58 12.86
N TYR B 56 -16.94 2.00 11.58
CA TYR B 56 -16.51 3.34 11.20
C TYR B 56 -17.66 4.08 10.51
N ALA B 57 -17.96 5.27 10.99
CA ALA B 57 -18.93 6.12 10.32
C ALA B 57 -18.29 6.63 9.03
N GLY B 58 -19.09 7.20 8.15
CA GLY B 58 -18.51 7.83 6.98
C GLY B 58 -17.63 8.98 7.42
N ARG B 59 -16.52 9.16 6.70
CA ARG B 59 -15.49 10.15 7.04
C ARG B 59 -15.20 11.05 5.83
N ASP B 60 -14.72 12.26 6.11
CA ASP B 60 -14.43 13.26 5.07
C ASP B 60 -13.01 13.01 4.50
N LEU B 61 -12.89 11.88 3.83
CA LEU B 61 -11.61 11.48 3.25
C LEU B 61 -11.89 10.34 2.29
N GLU B 62 -10.96 10.13 1.37
CA GLU B 62 -10.90 8.96 0.53
C GLU B 62 -9.80 8.04 1.06
N GLU B 63 -10.06 6.73 1.11
CA GLU B 63 -9.07 5.77 1.54
C GLU B 63 -8.98 4.59 0.60
N THR B 64 -7.76 4.17 0.31
CA THR B 64 -7.50 2.85 -0.27
C THR B 64 -6.46 2.14 0.57
N PHE B 65 -6.73 0.88 0.93
CA PHE B 65 -5.79 0.11 1.74
C PHE B 65 -5.53 -1.27 1.16
N VAL B 66 -4.39 -1.84 1.54
CA VAL B 66 -4.08 -3.22 1.20
C VAL B 66 -3.82 -4.02 2.47
N VAL B 67 -4.42 -5.19 2.54
CA VAL B 67 -4.20 -6.08 3.65
C VAL B 67 -2.93 -6.86 3.40
N VAL B 68 -2.01 -6.86 4.37
CA VAL B 68 -0.77 -7.63 4.25
C VAL B 68 -0.82 -8.89 5.14
N GLU B 69 -1.46 -8.80 6.31
CA GLU B 69 -1.59 -9.91 7.25
C GLU B 69 -3.00 -9.97 7.78
N GLY B 70 -3.48 -11.19 7.97
CA GLY B 70 -4.75 -11.42 8.64
C GLY B 70 -5.96 -11.40 7.75
N GLU B 71 -7.10 -11.71 8.34
CA GLU B 71 -8.36 -11.85 7.62
C GLU B 71 -9.45 -11.11 8.36
N ALA B 72 -10.47 -10.69 7.62
CA ALA B 72 -11.58 -9.94 8.20
C ALA B 72 -12.81 -10.14 7.35
N LEU B 73 -13.98 -10.03 7.96
CA LEU B 73 -15.22 -9.87 7.21
C LEU B 73 -15.47 -8.37 7.12
N TYR B 74 -15.60 -7.90 5.87
CA TYR B 74 -15.58 -6.48 5.57
C TYR B 74 -16.87 -6.06 4.86
N SER B 75 -17.41 -4.93 5.29
CA SER B 75 -18.53 -4.34 4.57
C SER B 75 -18.44 -2.82 4.53
N GLN B 76 -19.09 -2.25 3.50
CA GLN B 76 -19.34 -0.83 3.37
C GLN B 76 -20.82 -0.62 3.22
N ALA B 77 -21.35 0.38 3.92
CA ALA B 77 -22.78 0.69 3.87
C ALA B 77 -23.63 -0.57 4.14
N ASP B 78 -24.61 -0.82 3.29
CA ASP B 78 -25.53 -1.90 3.51
C ASP B 78 -25.09 -3.22 2.83
N ALA B 79 -23.87 -3.30 2.31
CA ALA B 79 -23.41 -4.53 1.65
C ALA B 79 -23.22 -5.67 2.65
N ASP B 80 -23.53 -6.89 2.23
CA ASP B 80 -23.24 -8.09 3.02
C ASP B 80 -21.70 -8.19 3.16
N PRO B 81 -21.21 -8.54 4.36
CA PRO B 81 -19.78 -8.70 4.51
C PRO B 81 -19.14 -9.73 3.58
N VAL B 82 -17.93 -9.42 3.17
CA VAL B 82 -17.13 -10.26 2.31
C VAL B 82 -15.78 -10.49 3.04
N LYS B 83 -15.25 -11.68 2.92
CA LYS B 83 -13.97 -11.99 3.54
C LYS B 83 -12.82 -11.38 2.74
N ILE B 84 -11.96 -10.66 3.45
CA ILE B 84 -10.72 -10.10 2.89
C ILE B 84 -9.53 -10.71 3.67
N GLY B 85 -8.39 -10.75 3.01
CA GLY B 85 -7.18 -11.36 3.54
C GLY B 85 -5.97 -10.79 2.83
N PRO B 86 -4.79 -11.36 3.07
CA PRO B 86 -3.56 -10.84 2.46
C PRO B 86 -3.70 -10.69 0.97
N GLY B 87 -3.40 -9.50 0.45
CA GLY B 87 -3.56 -9.23 -0.98
C GLY B 87 -4.85 -8.51 -1.37
N SER B 88 -5.84 -8.50 -0.49
CA SER B 88 -7.05 -7.72 -0.72
C SER B 88 -6.72 -6.25 -0.66
N ILE B 89 -7.29 -5.49 -1.58
CA ILE B 89 -7.13 -4.06 -1.67
C ILE B 89 -8.53 -3.50 -1.64
N VAL B 90 -8.76 -2.49 -0.81
CA VAL B 90 -10.11 -1.96 -0.63
C VAL B 90 -10.09 -0.43 -0.76
N SER B 91 -11.03 0.13 -1.55
CA SER B 91 -11.20 1.59 -1.63
C SER B 91 -12.52 1.95 -0.98
N ILE B 92 -12.56 3.08 -0.29
N ILE B 92 -12.51 3.06 -0.23
CA ILE B 92 -13.80 3.49 0.33
CA ILE B 92 -13.69 3.56 0.49
C ILE B 92 -13.93 5.00 0.16
C ILE B 92 -13.88 5.03 0.07
N ALA B 93 -15.04 5.37 -0.45
CA ALA B 93 -15.31 6.76 -0.83
C ALA B 93 -15.69 7.63 0.36
N LYS B 94 -15.54 8.92 0.15
CA LYS B 94 -15.91 9.87 1.18
C LYS B 94 -17.34 9.63 1.68
N GLY B 95 -17.51 9.63 3.00
CA GLY B 95 -18.84 9.54 3.59
C GLY B 95 -19.44 8.16 3.70
N VAL B 96 -18.73 7.15 3.21
CA VAL B 96 -19.26 5.77 3.21
C VAL B 96 -18.89 5.08 4.54
N PRO B 97 -19.89 4.60 5.28
CA PRO B 97 -19.55 3.91 6.53
C PRO B 97 -19.07 2.50 6.24
N SER B 98 -18.36 1.93 7.20
CA SER B 98 -17.82 0.59 6.99
C SER B 98 -17.71 -0.18 8.30
N ARG B 99 -17.49 -1.47 8.17
CA ARG B 99 -17.40 -2.37 9.34
C ARG B 99 -16.35 -3.43 9.03
N LEU B 100 -15.45 -3.67 9.99
CA LEU B 100 -14.50 -4.76 9.91
C LEU B 100 -14.68 -5.70 11.09
N GLU B 101 -15.02 -6.92 10.78
CA GLU B 101 -15.01 -8.02 11.78
C GLU B 101 -13.70 -8.77 11.55
N ILE B 102 -12.70 -8.41 12.36
CA ILE B 102 -11.34 -8.95 12.21
C ILE B 102 -11.36 -10.39 12.74
N LEU B 103 -10.85 -11.31 11.92
CA LEU B 103 -10.86 -12.73 12.26
C LEU B 103 -9.54 -13.26 12.80
N SER B 104 -8.46 -12.59 12.42
CA SER B 104 -7.10 -12.95 12.85
C SER B 104 -6.27 -11.68 12.82
N SER B 105 -5.18 -11.63 13.61
CA SER B 105 -4.34 -10.43 13.73
C SER B 105 -4.08 -9.84 12.36
N PHE B 106 -4.45 -8.57 12.18
CA PHE B 106 -4.67 -7.95 10.86
C PHE B 106 -3.79 -6.71 10.72
N ARG B 107 -3.12 -6.58 9.57
CA ARG B 107 -2.31 -5.43 9.30
C ARG B 107 -2.59 -4.97 7.87
N LYS B 108 -2.93 -3.68 7.73
CA LYS B 108 -3.13 -3.05 6.43
C LYS B 108 -2.23 -1.84 6.30
N LEU B 109 -1.86 -1.52 5.06
CA LEU B 109 -1.29 -0.23 4.77
C LEU B 109 -2.35 0.60 4.07
N ALA B 110 -2.68 1.74 4.68
CA ALA B 110 -3.75 2.61 4.26
C ALA B 110 -3.21 3.93 3.70
N THR B 111 -3.76 4.31 2.55
CA THR B 111 -3.54 5.61 1.93
C THR B 111 -4.80 6.43 2.10
N VAL B 112 -4.65 7.61 2.70
CA VAL B 112 -5.77 8.46 3.06
C VAL B 112 -5.59 9.85 2.41
N ILE B 113 -6.60 10.28 1.67
CA ILE B 113 -6.60 11.61 1.03
C ILE B 113 -7.69 12.41 1.73
N PRO B 114 -7.30 13.38 2.58
CA PRO B 114 -8.31 14.22 3.24
C PRO B 114 -9.19 15.00 2.27
N LYS B 115 -10.49 15.07 2.57
CA LYS B 115 -11.48 15.73 1.73
C LYS B 115 -12.40 16.55 2.63
N PRO B 116 -11.82 17.57 3.28
CA PRO B 116 -12.63 18.39 4.20
C PRO B 116 -13.75 19.14 3.49
#